data_1TUP
#
_entry.id   1TUP
#
_cell.length_a   117.500
_cell.length_b   67.900
_cell.length_c   108.800
_cell.angle_alpha   90.00
_cell.angle_beta   105.50
_cell.angle_gamma   90.00
#
_symmetry.space_group_name_H-M   'C 1 2 1'
#
loop_
_entity.id
_entity.type
_entity.pdbx_description
1 polymer "DNA (5'-D(*TP*TP*TP*CP*CP*TP*AP*GP*AP*CP*TP*TP*GP*CP*CP*CP*A P*AP*TP*TP*A)-3')"
2 polymer "DNA (5'-D(*AP*TP*AP*AP*TP*TP*GP*GP*GP*CP*AP*AP*GP*TP*CP*TP*A P*GP*GP*AP*A)-3')"
3 polymer 'PROTEIN (P53 TUMOR SUPPRESSOR )'
4 non-polymer 'ZINC ION'
5 water water
#
loop_
_entity_poly.entity_id
_entity_poly.type
_entity_poly.pdbx_seq_one_letter_code
_entity_poly.pdbx_strand_id
1 'polydeoxyribonucleotide'
;(DT)(DT)(DT)(DC)(DC)(DT)(DA)(DG)(DA)(DC)(DT)(DT)(DG)(DC)(DC)(DC)(DA)(DA)(DT)(DT)
(DA)
;
E
2 'polydeoxyribonucleotide'
;(DA)(DT)(DA)(DA)(DT)(DT)(DG)(DG)(DG)(DC)(DA)(DA)(DG)(DT)(DC)(DT)(DA)(DG)(DG)(DA)
(DA)
;
F
3 'polypeptide(L)'
;SSSVPSQKTYQGSYGFRLGFLHSGTAKSVTCTYSPALNKMFCQLAKTCPVQLWVDSTPPPGTRVRAMAIYKQSQHMTEVV
RRCPHHERCSDSDGLAPPQHLIRVEGNLRVEYLDDRNTFRHSVVVPYEPPEVGSDCTTIHYNYMCNSSCMGGMNRRPILT
IITLEDSSGNLLGRNSFEVRVCACPGRDRRTEEENLRKKGEPHHELPPGSTKRALPNNT
;
A,B,C
#
loop_
_chem_comp.id
_chem_comp.type
_chem_comp.name
_chem_comp.formula
DA DNA linking 2'-DEOXYADENOSINE-5'-MONOPHOSPHATE 'C10 H14 N5 O6 P'
DC DNA linking 2'-DEOXYCYTIDINE-5'-MONOPHOSPHATE 'C9 H14 N3 O7 P'
DG DNA linking 2'-DEOXYGUANOSINE-5'-MONOPHOSPHATE 'C10 H14 N5 O7 P'
DT DNA linking THYMIDINE-5'-MONOPHOSPHATE 'C10 H15 N2 O8 P'
ZN non-polymer 'ZINC ION' 'Zn 2'
#
# COMPACT_ATOMS: atom_id res chain seq x y z
N SER C 1 14.23 6.91 11.96
CA SER C 1 13.58 6.67 10.68
C SER C 1 13.96 5.30 10.16
N SER C 2 13.30 4.87 9.10
CA SER C 2 13.65 3.59 8.53
C SER C 2 15.15 3.60 8.20
N SER C 3 15.88 2.60 8.66
CA SER C 3 17.30 2.53 8.37
C SER C 3 17.52 2.32 6.90
N VAL C 4 18.65 2.83 6.42
CA VAL C 4 19.03 2.77 5.05
C VAL C 4 20.51 2.50 5.01
N PRO C 5 21.07 2.07 3.88
CA PRO C 5 22.49 1.81 3.80
C PRO C 5 23.33 3.06 4.01
N SER C 6 24.41 2.87 4.74
CA SER C 6 25.32 3.95 5.03
C SER C 6 26.04 4.40 3.76
N GLN C 7 26.31 5.70 3.61
CA GLN C 7 27.00 6.18 2.42
C GLN C 7 28.14 7.14 2.68
N LYS C 8 28.53 7.28 3.94
CA LYS C 8 29.60 8.20 4.30
C LYS C 8 30.94 7.63 4.03
N THR C 9 31.78 8.55 3.56
CA THR C 9 33.15 8.31 3.20
C THR C 9 34.05 7.94 4.35
N TYR C 10 34.75 6.85 4.16
CA TYR C 10 35.65 6.36 5.15
C TYR C 10 36.82 5.74 4.42
N GLN C 11 37.96 6.43 4.53
CA GLN C 11 39.19 5.99 3.92
C GLN C 11 39.80 4.78 4.58
N GLY C 12 39.57 4.61 5.87
CA GLY C 12 40.06 3.44 6.55
C GLY C 12 41.56 3.42 6.75
N SER C 13 42.04 2.38 7.39
CA SER C 13 43.44 2.26 7.68
C SER C 13 44.36 2.11 6.47
N TYR C 14 43.77 1.68 5.35
CA TYR C 14 44.45 1.46 4.09
C TYR C 14 44.34 2.61 3.09
N GLY C 15 43.88 3.77 3.56
CA GLY C 15 43.74 4.95 2.69
C GLY C 15 42.94 4.71 1.40
N PHE C 16 41.80 4.06 1.52
CA PHE C 16 40.98 3.77 0.37
C PHE C 16 40.30 5.00 -0.21
N ARG C 17 40.64 5.23 -1.48
CA ARG C 17 40.14 6.28 -2.34
C ARG C 17 39.71 5.60 -3.64
N LEU C 18 38.80 6.23 -4.35
CA LEU C 18 38.30 5.74 -5.61
C LEU C 18 38.84 6.64 -6.70
N GLY C 19 39.16 6.09 -7.86
CA GLY C 19 39.65 6.93 -8.94
C GLY C 19 38.85 6.67 -10.20
N PHE C 20 39.07 7.47 -11.20
CA PHE C 20 38.34 7.31 -12.43
C PHE C 20 39.21 7.70 -13.62
N LEU C 21 38.79 7.29 -14.80
CA LEU C 21 39.50 7.63 -16.02
C LEU C 21 39.05 9.03 -16.45
N HIS C 22 39.98 9.84 -16.91
CA HIS C 22 39.64 11.15 -17.39
C HIS C 22 39.40 11.08 -18.87
N SER C 23 38.19 10.70 -19.21
CA SER C 23 37.75 10.54 -20.58
C SER C 23 37.36 11.76 -21.37
N GLY C 24 36.97 12.86 -20.75
CA GLY C 24 36.54 13.97 -21.58
C GLY C 24 35.07 13.80 -21.92
N THR C 25 34.53 14.73 -22.71
CA THR C 25 33.12 14.71 -23.07
C THR C 25 32.85 14.65 -24.56
N ALA C 26 33.84 14.23 -25.35
CA ALA C 26 33.62 14.16 -26.78
C ALA C 26 32.41 13.28 -27.04
N LYS C 27 31.77 13.41 -28.20
CA LYS C 27 30.58 12.61 -28.49
C LYS C 27 30.70 11.09 -28.49
N SER C 28 31.92 10.62 -28.60
CA SER C 28 32.13 9.20 -28.62
C SER C 28 32.26 8.55 -27.24
N VAL C 29 32.27 9.33 -26.16
CA VAL C 29 32.42 8.74 -24.83
C VAL C 29 31.27 7.82 -24.40
N THR C 30 31.69 6.69 -23.84
CA THR C 30 30.88 5.59 -23.38
C THR C 30 30.70 5.59 -21.85
N CYS C 31 31.59 6.33 -21.20
CA CYS C 31 31.64 6.46 -19.76
C CYS C 31 32.53 7.64 -19.48
N THR C 32 32.02 8.62 -18.73
CA THR C 32 32.79 9.81 -18.37
C THR C 32 32.44 10.29 -16.97
N TYR C 33 33.44 10.69 -16.22
CA TYR C 33 33.15 11.11 -14.86
C TYR C 33 33.35 12.59 -14.61
N SER C 34 32.44 13.23 -13.91
CA SER C 34 32.63 14.65 -13.65
C SER C 34 33.12 14.92 -12.22
N PRO C 35 34.40 15.26 -12.02
CA PRO C 35 34.93 15.54 -10.70
C PRO C 35 34.17 16.60 -9.90
N ALA C 36 33.61 17.60 -10.58
CA ALA C 36 32.88 18.66 -9.88
C ALA C 36 31.49 18.23 -9.42
N LEU C 37 30.96 17.20 -10.04
CA LEU C 37 29.65 16.72 -9.70
C LEU C 37 29.72 15.43 -8.91
N ASN C 38 30.94 14.85 -8.85
CA ASN C 38 31.25 13.54 -8.26
C ASN C 38 30.31 12.56 -8.91
N LYS C 39 30.08 12.76 -10.20
CA LYS C 39 29.14 11.99 -10.98
C LYS C 39 29.68 11.33 -12.24
N MET C 40 29.38 10.04 -12.35
CA MET C 40 29.76 9.25 -13.49
C MET C 40 28.62 9.20 -14.48
N PHE C 41 28.94 9.37 -15.74
CA PHE C 41 27.96 9.31 -16.79
C PHE C 41 28.33 8.12 -17.63
N CYS C 42 27.39 7.24 -17.90
CA CYS C 42 27.75 6.09 -18.70
C CYS C 42 26.63 5.66 -19.61
N GLN C 43 26.98 4.86 -20.59
CA GLN C 43 25.99 4.34 -21.49
C GLN C 43 25.51 3.02 -20.93
N LEU C 44 24.31 2.67 -21.35
CA LEU C 44 23.73 1.44 -20.92
C LEU C 44 24.53 0.26 -21.40
N ALA C 45 24.86 -0.62 -20.46
CA ALA C 45 25.56 -1.85 -20.69
C ALA C 45 27.02 -1.74 -21.13
N LYS C 46 27.62 -0.56 -21.08
CA LYS C 46 29.01 -0.44 -21.51
C LYS C 46 30.00 -0.42 -20.36
N THR C 47 31.27 -0.65 -20.65
CA THR C 47 32.30 -0.66 -19.62
C THR C 47 32.44 0.66 -18.88
N CYS C 48 32.54 0.55 -17.56
CA CYS C 48 32.71 1.68 -16.68
C CYS C 48 33.83 1.32 -15.78
N PRO C 49 35.01 1.78 -16.04
CA PRO C 49 36.06 1.37 -15.14
C PRO C 49 36.02 2.20 -13.86
N VAL C 50 36.38 1.57 -12.74
CA VAL C 50 36.44 2.22 -11.45
C VAL C 50 37.73 1.80 -10.77
N GLN C 51 38.52 2.80 -10.39
CA GLN C 51 39.80 2.58 -9.78
C GLN C 51 39.89 2.61 -8.28
N LEU C 52 40.48 1.57 -7.73
CA LEU C 52 40.67 1.53 -6.31
C LEU C 52 42.05 2.00 -6.02
N TRP C 53 42.16 2.98 -5.12
CA TRP C 53 43.41 3.55 -4.64
C TRP C 53 43.53 3.16 -3.17
N VAL C 54 44.69 2.65 -2.81
CA VAL C 54 44.94 2.25 -1.46
C VAL C 54 46.37 2.67 -1.15
N ASP C 55 46.65 3.02 0.09
CA ASP C 55 47.94 3.51 0.51
C ASP C 55 48.83 2.44 1.04
N SER C 56 48.18 1.35 1.40
CA SER C 56 48.78 0.15 1.93
C SER C 56 47.88 -0.97 1.44
N THR C 57 48.42 -2.16 1.16
CA THR C 57 47.56 -3.22 0.65
C THR C 57 46.67 -3.84 1.70
N PRO C 58 45.39 -4.02 1.39
CA PRO C 58 44.51 -4.64 2.34
C PRO C 58 44.92 -6.11 2.57
N PRO C 59 44.39 -6.68 3.63
CA PRO C 59 44.67 -8.06 3.99
C PRO C 59 44.16 -9.01 2.94
N PRO C 60 44.50 -10.28 3.08
CA PRO C 60 44.00 -11.21 2.10
C PRO C 60 42.56 -11.56 2.43
N GLY C 61 41.80 -11.80 1.37
CA GLY C 61 40.39 -12.15 1.50
C GLY C 61 39.53 -10.92 1.36
N THR C 62 40.20 -9.79 1.19
CA THR C 62 39.54 -8.51 1.05
C THR C 62 38.66 -8.52 -0.20
N ARG C 63 37.45 -8.02 -0.03
CA ARG C 63 36.45 -7.97 -1.08
C ARG C 63 36.03 -6.53 -1.33
N VAL C 64 35.54 -6.27 -2.57
CA VAL C 64 35.09 -4.95 -2.97
C VAL C 64 33.66 -5.07 -3.42
N ARG C 65 32.82 -4.34 -2.76
CA ARG C 65 31.42 -4.41 -3.03
C ARG C 65 30.81 -3.12 -3.49
N ALA C 66 29.88 -3.24 -4.43
CA ALA C 66 29.20 -2.08 -4.93
C ALA C 66 27.72 -2.23 -4.74
N MET C 67 27.09 -1.11 -4.41
CA MET C 67 25.66 -1.00 -4.18
C MET C 67 25.11 0.34 -4.63
N ALA C 68 23.95 0.32 -5.26
CA ALA C 68 23.33 1.57 -5.69
C ALA C 68 22.20 1.91 -4.74
N ILE C 69 22.06 3.16 -4.35
CA ILE C 69 20.97 3.58 -3.48
C ILE C 69 20.45 4.90 -4.06
N TYR C 70 19.18 5.23 -3.84
CA TYR C 70 18.71 6.50 -4.35
C TYR C 70 19.37 7.63 -3.56
N LYS C 71 19.75 8.67 -4.25
CA LYS C 71 20.40 9.82 -3.66
C LYS C 71 19.56 10.67 -2.71
N GLN C 72 18.29 10.89 -3.10
CA GLN C 72 17.33 11.70 -2.35
C GLN C 72 16.81 11.02 -1.09
N SER C 73 16.64 11.75 -0.01
CA SER C 73 16.15 11.09 1.20
C SER C 73 14.78 10.47 1.04
N GLN C 74 13.97 11.15 0.25
CA GLN C 74 12.62 10.71 0.04
C GLN C 74 12.43 9.37 -0.67
N HIS C 75 13.52 8.85 -1.23
CA HIS C 75 13.49 7.62 -1.99
C HIS C 75 14.49 6.59 -1.50
N MET C 76 15.23 6.95 -0.48
CA MET C 76 16.27 6.10 0.08
C MET C 76 15.84 4.74 0.51
N THR C 77 14.57 4.60 0.86
CA THR C 77 14.07 3.31 1.32
C THR C 77 13.72 2.39 0.15
N GLU C 78 13.82 2.97 -1.03
CA GLU C 78 13.52 2.23 -2.23
C GLU C 78 14.78 1.58 -2.77
N VAL C 79 14.66 0.27 -2.99
CA VAL C 79 15.73 -0.54 -3.49
C VAL C 79 15.89 -0.26 -4.96
N VAL C 80 17.11 0.07 -5.35
CA VAL C 80 17.37 0.34 -6.74
C VAL C 80 17.39 -1.00 -7.43
N ARG C 81 16.61 -1.10 -8.50
CA ARG C 81 16.53 -2.29 -9.29
C ARG C 81 16.15 -1.91 -10.70
N ARG C 82 16.31 -2.87 -11.61
CA ARG C 82 15.97 -2.63 -12.99
C ARG C 82 14.47 -2.57 -13.14
N CYS C 83 14.04 -1.77 -14.09
CA CYS C 83 12.66 -1.60 -14.44
C CYS C 83 12.16 -2.95 -14.94
N PRO C 84 10.88 -3.12 -15.15
CA PRO C 84 10.43 -4.41 -15.60
C PRO C 84 10.90 -4.77 -17.01
N HIS C 85 10.83 -3.80 -17.92
CA HIS C 85 11.28 -4.04 -19.26
C HIS C 85 12.65 -4.71 -19.21
N HIS C 86 13.58 -4.06 -18.49
CA HIS C 86 14.94 -4.54 -18.34
C HIS C 86 15.17 -5.90 -17.66
N GLU C 87 14.64 -6.14 -16.44
CA GLU C 87 14.83 -7.44 -15.79
C GLU C 87 14.41 -8.57 -16.71
N ARG C 88 13.42 -8.27 -17.56
CA ARG C 88 12.84 -9.18 -18.53
C ARG C 88 13.69 -9.35 -19.78
N CYS C 89 14.73 -8.54 -19.93
CA CYS C 89 15.58 -8.61 -21.09
C CYS C 89 16.48 -9.83 -21.08
N SER C 90 16.76 -10.35 -22.24
CA SER C 90 17.67 -11.43 -22.26
C SER C 90 19.00 -10.71 -22.42
N ASP C 91 19.66 -10.39 -21.31
CA ASP C 91 20.93 -9.71 -21.43
C ASP C 91 21.86 -10.27 -20.40
N SER C 92 21.49 -11.45 -20.00
CA SER C 92 22.24 -12.15 -19.01
C SER C 92 23.65 -12.50 -19.46
N ASP C 93 24.60 -12.21 -18.59
CA ASP C 93 25.96 -12.54 -18.86
C ASP C 93 26.16 -13.92 -18.22
N GLY C 94 25.07 -14.47 -17.76
CA GLY C 94 25.16 -15.78 -17.14
C GLY C 94 25.53 -15.76 -15.66
N LEU C 95 25.95 -14.62 -15.15
CA LEU C 95 26.30 -14.56 -13.75
C LEU C 95 25.40 -13.67 -12.95
N ALA C 96 25.01 -12.54 -13.51
CA ALA C 96 24.20 -11.62 -12.74
C ALA C 96 22.70 -11.93 -12.69
N PRO C 97 22.08 -11.59 -11.55
CA PRO C 97 20.67 -11.80 -11.46
C PRO C 97 20.01 -10.72 -12.28
N PRO C 98 19.03 -11.17 -13.00
CA PRO C 98 18.29 -10.31 -13.89
C PRO C 98 17.75 -9.00 -13.35
N GLN C 99 17.59 -8.84 -12.01
CA GLN C 99 17.05 -7.59 -11.48
C GLN C 99 18.11 -6.59 -11.09
N HIS C 100 19.37 -7.02 -10.98
CA HIS C 100 20.42 -6.11 -10.58
C HIS C 100 20.79 -5.11 -11.65
N LEU C 101 20.88 -3.86 -11.23
CA LEU C 101 21.27 -2.76 -12.09
C LEU C 101 22.79 -2.77 -12.38
N ILE C 102 23.59 -3.16 -11.39
CA ILE C 102 25.04 -3.18 -11.48
C ILE C 102 25.68 -4.54 -11.63
N ARG C 103 26.50 -4.65 -12.67
CA ARG C 103 27.23 -5.87 -12.92
C ARG C 103 28.72 -5.60 -12.89
N VAL C 104 29.47 -6.68 -12.79
CA VAL C 104 30.91 -6.55 -12.82
C VAL C 104 31.34 -7.31 -14.04
N GLU C 105 32.11 -6.64 -14.86
CA GLU C 105 32.60 -7.18 -16.08
C GLU C 105 33.95 -7.92 -16.00
N GLY C 106 34.09 -8.99 -16.80
CA GLY C 106 35.32 -9.79 -16.89
C GLY C 106 35.97 -10.24 -15.58
N ASN C 107 35.19 -10.76 -14.64
CA ASN C 107 35.69 -11.24 -13.37
C ASN C 107 34.83 -12.43 -12.94
N LEU C 108 35.32 -13.64 -13.23
CA LEU C 108 34.65 -14.91 -12.91
C LEU C 108 34.51 -15.23 -11.44
N ARG C 109 35.14 -14.39 -10.61
CA ARG C 109 35.06 -14.56 -9.17
C ARG C 109 34.01 -13.63 -8.60
N VAL C 110 33.28 -12.97 -9.52
CA VAL C 110 32.20 -12.04 -9.20
C VAL C 110 31.06 -12.74 -8.43
N GLU C 111 30.51 -12.04 -7.41
CA GLU C 111 29.45 -12.56 -6.55
C GLU C 111 28.35 -11.56 -6.29
N TYR C 112 27.12 -12.05 -6.42
CA TYR C 112 25.91 -11.28 -6.26
C TYR C 112 25.09 -11.66 -5.03
N LEU C 113 24.62 -10.65 -4.32
CA LEU C 113 23.83 -10.82 -3.13
C LEU C 113 22.49 -10.16 -3.28
N ASP C 114 21.53 -10.81 -2.66
CA ASP C 114 20.18 -10.37 -2.56
C ASP C 114 20.08 -10.38 -1.05
N ASP C 115 20.29 -9.23 -0.41
CA ASP C 115 20.27 -9.24 1.04
C ASP C 115 18.99 -9.84 1.57
N ARG C 116 19.14 -10.88 2.40
CA ARG C 116 17.98 -11.59 2.97
C ARG C 116 17.15 -10.71 3.86
N ASN C 117 17.82 -9.80 4.54
CA ASN C 117 17.17 -8.91 5.46
C ASN C 117 16.67 -7.59 4.93
N THR C 118 17.46 -6.92 4.07
CA THR C 118 17.11 -5.61 3.50
C THR C 118 16.57 -5.62 2.08
N PHE C 119 16.57 -6.78 1.45
CA PHE C 119 16.09 -6.93 0.09
C PHE C 119 17.00 -6.23 -0.92
N ARG C 120 18.01 -5.52 -0.39
CA ARG C 120 19.00 -4.75 -1.13
C ARG C 120 19.94 -5.58 -2.03
N HIS C 121 20.29 -5.07 -3.22
CA HIS C 121 21.18 -5.79 -4.16
C HIS C 121 22.62 -5.28 -4.15
N SER C 122 23.59 -6.16 -4.42
CA SER C 122 24.97 -5.74 -4.48
C SER C 122 25.83 -6.77 -5.21
N VAL C 123 27.03 -6.36 -5.66
CA VAL C 123 27.98 -7.19 -6.40
C VAL C 123 29.37 -7.07 -5.77
N VAL C 124 29.99 -8.22 -5.50
CA VAL C 124 31.31 -8.29 -4.87
C VAL C 124 32.28 -9.07 -5.71
N VAL C 125 33.52 -8.67 -5.59
CA VAL C 125 34.62 -9.30 -6.26
C VAL C 125 35.74 -9.37 -5.24
N PRO C 126 36.68 -10.28 -5.42
CA PRO C 126 37.75 -10.29 -4.47
C PRO C 126 38.62 -9.09 -4.79
N TYR C 127 39.22 -8.46 -3.79
CA TYR C 127 40.07 -7.30 -4.03
C TYR C 127 41.43 -7.77 -4.59
N GLU C 128 41.90 -7.16 -5.67
CA GLU C 128 43.18 -7.54 -6.25
C GLU C 128 44.18 -6.40 -6.19
N PRO C 129 45.45 -6.72 -5.97
CA PRO C 129 46.41 -5.66 -5.93
C PRO C 129 46.58 -5.09 -7.31
N PRO C 130 47.19 -3.93 -7.37
CA PRO C 130 47.36 -3.32 -8.66
C PRO C 130 48.35 -4.09 -9.52
N GLU C 131 47.92 -4.34 -10.74
CA GLU C 131 48.66 -5.05 -11.77
C GLU C 131 50.06 -4.43 -11.90
N VAL C 132 51.10 -5.11 -11.38
CA VAL C 132 52.51 -4.65 -11.41
C VAL C 132 52.81 -3.56 -12.45
N GLY C 133 53.43 -2.48 -12.04
CA GLY C 133 53.66 -1.43 -13.00
C GLY C 133 52.40 -0.57 -12.97
N SER C 134 51.50 -0.93 -12.06
CA SER C 134 50.24 -0.22 -11.85
C SER C 134 50.10 0.44 -10.48
N ASP C 135 49.46 1.60 -10.56
CA ASP C 135 49.15 2.52 -9.49
C ASP C 135 47.88 2.13 -8.71
N CYS C 136 46.90 1.59 -9.41
CA CYS C 136 45.69 1.23 -8.73
C CYS C 136 45.03 -0.02 -9.33
N THR C 137 43.91 -0.46 -8.73
CA THR C 137 43.17 -1.64 -9.20
C THR C 137 41.98 -1.19 -9.97
N THR C 138 41.71 -1.82 -11.08
CA THR C 138 40.57 -1.44 -11.88
C THR C 138 39.48 -2.49 -11.83
N ILE C 139 38.24 -2.02 -11.77
CA ILE C 139 37.06 -2.88 -11.78
C ILE C 139 36.20 -2.38 -12.89
N HIS C 140 35.65 -3.27 -13.71
CA HIS C 140 34.78 -2.87 -14.80
C HIS C 140 33.33 -3.20 -14.48
N TYR C 141 32.58 -2.15 -14.18
CA TYR C 141 31.19 -2.22 -13.84
C TYR C 141 30.36 -1.93 -15.06
N ASN C 142 29.11 -2.36 -15.02
CA ASN C 142 28.18 -2.11 -16.10
C ASN C 142 26.88 -1.75 -15.42
N TYR C 143 26.15 -0.77 -15.93
CA TYR C 143 24.87 -0.38 -15.37
C TYR C 143 23.87 -0.85 -16.39
N MET C 144 22.91 -1.69 -15.98
CA MET C 144 21.95 -2.29 -16.89
C MET C 144 20.57 -1.70 -17.06
N CYS C 145 20.37 -0.44 -16.72
CA CYS C 145 19.05 0.12 -16.85
C CYS C 145 19.26 1.60 -16.96
N ASN C 146 18.43 2.35 -17.67
CA ASN C 146 18.71 3.78 -17.75
C ASN C 146 18.04 4.61 -16.69
N SER C 147 18.60 5.80 -16.44
CA SER C 147 18.04 6.69 -15.44
C SER C 147 16.65 7.14 -15.79
N SER C 148 16.39 7.09 -17.07
CA SER C 148 15.11 7.53 -17.56
C SER C 148 14.09 6.45 -17.65
N CYS C 149 14.48 5.22 -17.31
CA CYS C 149 13.56 4.11 -17.37
C CYS C 149 12.40 4.37 -16.47
N MET C 150 11.24 4.67 -17.04
CA MET C 150 10.12 4.89 -16.18
C MET C 150 9.87 3.56 -15.57
N GLY C 151 9.48 3.49 -14.34
CA GLY C 151 9.29 2.13 -13.90
C GLY C 151 10.51 1.59 -13.19
N GLY C 152 11.58 2.36 -13.28
CA GLY C 152 12.83 2.03 -12.63
C GLY C 152 13.24 3.27 -11.87
N MET C 153 14.47 3.69 -12.12
CA MET C 153 15.03 4.87 -11.50
C MET C 153 14.16 6.09 -11.79
N ASN C 154 13.58 6.11 -12.99
CA ASN C 154 12.68 7.18 -13.39
C ASN C 154 13.20 8.60 -13.24
N ARG C 155 14.44 8.87 -13.68
CA ARG C 155 15.03 10.19 -13.61
C ARG C 155 15.60 10.61 -12.26
N ARG C 156 15.51 9.70 -11.29
CA ARG C 156 16.03 9.97 -9.98
C ARG C 156 17.50 9.57 -9.88
N PRO C 157 18.25 10.44 -9.19
CA PRO C 157 19.68 10.36 -8.93
C PRO C 157 20.03 9.19 -8.07
N ILE C 158 21.04 8.46 -8.51
CA ILE C 158 21.51 7.27 -7.84
C ILE C 158 22.96 7.41 -7.42
N LEU C 159 23.33 6.77 -6.33
CA LEU C 159 24.68 6.85 -5.86
C LEU C 159 25.25 5.47 -5.94
N THR C 160 26.53 5.34 -6.22
CA THR C 160 27.07 4.02 -6.17
C THR C 160 27.98 4.02 -4.99
N ILE C 161 27.72 3.11 -4.06
CA ILE C 161 28.51 3.01 -2.85
C ILE C 161 29.52 1.86 -2.99
N ILE C 162 30.83 2.17 -2.94
CA ILE C 162 31.92 1.21 -3.03
C ILE C 162 32.49 0.99 -1.63
N THR C 163 32.35 -0.26 -1.20
CA THR C 163 32.79 -0.66 0.11
C THR C 163 33.93 -1.66 0.06
N LEU C 164 34.94 -1.44 0.89
CA LEU C 164 36.06 -2.33 1.02
C LEU C 164 35.80 -3.16 2.31
N GLU C 165 35.63 -4.51 2.21
CA GLU C 165 35.36 -5.30 3.39
C GLU C 165 36.29 -6.50 3.55
N ASP C 166 36.61 -6.89 4.79
CA ASP C 166 37.47 -8.04 4.99
C ASP C 166 36.72 -9.31 4.60
N SER C 167 37.38 -10.44 4.61
CA SER C 167 36.73 -11.67 4.25
C SER C 167 35.49 -11.99 5.08
N SER C 168 35.38 -11.38 6.26
CA SER C 168 34.25 -11.62 7.16
C SER C 168 33.13 -10.62 7.00
N GLY C 169 33.32 -9.70 6.08
CA GLY C 169 32.30 -8.71 5.81
C GLY C 169 32.41 -7.43 6.58
N ASN C 170 33.44 -7.30 7.41
CA ASN C 170 33.61 -6.08 8.17
C ASN C 170 34.00 -4.93 7.24
N LEU C 171 33.67 -3.71 7.63
CA LEU C 171 33.99 -2.53 6.87
C LEU C 171 35.44 -2.07 7.03
N LEU C 172 36.12 -1.91 5.91
CA LEU C 172 37.49 -1.46 5.89
C LEU C 172 37.55 -0.08 5.26
N GLY C 173 36.56 0.25 4.44
CA GLY C 173 36.54 1.54 3.79
C GLY C 173 35.31 1.71 2.92
N ARG C 174 34.92 2.95 2.64
CA ARG C 174 33.77 3.19 1.81
C ARG C 174 33.92 4.49 1.10
N ASN C 175 33.41 4.54 -0.12
CA ASN C 175 33.45 5.72 -0.96
C ASN C 175 32.23 5.73 -1.87
N SER C 176 31.91 6.85 -2.51
CA SER C 176 30.75 6.81 -3.37
C SER C 176 30.77 7.85 -4.48
N PHE C 177 29.94 7.64 -5.49
CA PHE C 177 29.84 8.56 -6.59
C PHE C 177 28.45 8.49 -7.17
N GLU C 178 27.95 9.58 -7.71
CA GLU C 178 26.63 9.58 -8.30
C GLU C 178 26.79 9.00 -9.68
N VAL C 179 25.70 8.51 -10.27
CA VAL C 179 25.73 7.92 -11.59
C VAL C 179 24.49 8.26 -12.35
N ARG C 180 24.67 8.36 -13.65
CA ARG C 180 23.63 8.66 -14.57
C ARG C 180 23.81 7.79 -15.76
N VAL C 181 22.90 6.84 -16.00
CA VAL C 181 22.98 5.93 -17.12
C VAL C 181 22.16 6.52 -18.26
N CYS C 182 22.82 7.02 -19.29
CA CYS C 182 22.11 7.65 -20.38
C CYS C 182 22.81 7.39 -21.69
N ALA C 183 22.10 7.68 -22.78
CA ALA C 183 22.59 7.50 -24.11
C ALA C 183 23.78 8.36 -24.47
N CYS C 184 23.77 9.64 -24.09
CA CYS C 184 24.92 10.46 -24.45
C CYS C 184 25.67 11.03 -23.25
N PRO C 185 26.65 10.27 -22.73
CA PRO C 185 27.42 10.70 -21.58
C PRO C 185 28.22 11.99 -21.71
N GLY C 186 28.84 12.22 -22.87
CA GLY C 186 29.59 13.44 -23.08
C GLY C 186 28.69 14.68 -23.04
N ARG C 187 27.57 14.62 -23.79
CA ARG C 187 26.55 15.68 -23.89
C ARG C 187 25.95 16.01 -22.51
N ASP C 188 25.44 15.00 -21.84
CA ASP C 188 24.87 15.16 -20.51
C ASP C 188 25.87 15.74 -19.53
N ARG C 189 27.09 15.20 -19.51
CA ARG C 189 28.08 15.70 -18.58
C ARG C 189 28.40 17.19 -18.77
N ARG C 190 28.64 17.57 -20.03
CA ARG C 190 28.97 18.94 -20.44
C ARG C 190 27.96 19.93 -19.90
N THR C 191 26.71 19.61 -20.21
CA THR C 191 25.49 20.29 -19.83
C THR C 191 25.36 20.44 -18.31
N GLU C 192 25.32 19.34 -17.56
CA GLU C 192 25.20 19.45 -16.12
C GLU C 192 26.33 20.28 -15.49
N GLU C 193 27.46 20.40 -16.19
CA GLU C 193 28.59 21.16 -15.67
C GLU C 193 28.44 22.56 -16.16
N GLU C 194 27.66 22.64 -17.23
CA GLU C 194 27.39 23.90 -17.84
C GLU C 194 26.55 24.70 -16.87
N ASN C 195 25.73 23.98 -16.07
CA ASN C 195 24.90 24.59 -15.05
C ASN C 195 25.77 24.91 -13.84
N LEU C 196 27.00 24.33 -13.82
CA LEU C 196 28.03 24.51 -12.78
C LEU C 196 28.45 23.25 -12.02
N SER D 3 -13.72 -9.76 7.00
CA SER D 3 -14.40 -8.79 7.85
C SER D 3 -13.95 -7.34 7.66
N VAL D 4 -14.24 -6.55 8.71
CA VAL D 4 -13.95 -5.12 8.85
C VAL D 4 -13.79 -4.70 10.34
N PRO D 5 -12.89 -3.71 10.63
CA PRO D 5 -12.55 -3.21 11.98
C PRO D 5 -13.00 -1.77 12.35
N SER D 6 -13.39 -1.54 13.62
CA SER D 6 -13.86 -0.21 14.06
C SER D 6 -12.80 0.80 14.46
N GLN D 7 -13.16 2.07 14.33
CA GLN D 7 -12.32 3.16 14.73
C GLN D 7 -13.03 3.74 15.92
N LYS D 8 -13.52 2.85 16.81
CA LYS D 8 -14.28 3.30 17.97
C LYS D 8 -13.50 3.35 19.24
N THR D 9 -13.25 4.57 19.75
CA THR D 9 -12.52 4.74 20.99
C THR D 9 -13.05 3.91 22.16
N TYR D 10 -12.11 3.27 22.85
CA TYR D 10 -12.31 2.40 23.97
C TYR D 10 -11.18 2.58 24.94
N GLN D 11 -11.22 3.79 25.50
CA GLN D 11 -10.33 4.18 26.54
C GLN D 11 -10.92 3.11 27.45
N GLY D 12 -10.24 2.03 27.76
CA GLY D 12 -10.94 1.04 28.54
C GLY D 12 -10.61 1.03 30.02
N SER D 13 -10.94 -0.08 30.66
CA SER D 13 -10.66 -0.26 32.06
C SER D 13 -9.28 0.25 32.50
N TYR D 14 -8.42 0.63 31.53
CA TYR D 14 -7.08 1.14 31.82
C TYR D 14 -6.90 2.61 31.57
N GLY D 15 -7.86 3.18 30.84
CA GLY D 15 -7.87 4.60 30.48
C GLY D 15 -6.79 4.93 29.45
N PHE D 16 -6.89 4.27 28.29
CA PHE D 16 -6.00 4.39 27.14
C PHE D 16 -6.18 5.69 26.39
N ARG D 17 -5.08 6.37 26.25
CA ARG D 17 -5.07 7.63 25.56
C ARG D 17 -3.76 7.76 24.80
N LEU D 18 -3.77 8.50 23.71
CA LEU D 18 -2.55 8.70 22.94
C LEU D 18 -2.16 10.15 23.03
N GLY D 19 -0.86 10.34 23.02
CA GLY D 19 -0.28 11.65 23.06
C GLY D 19 0.59 11.79 21.84
N PHE D 20 0.86 13.03 21.51
CA PHE D 20 1.66 13.37 20.37
C PHE D 20 2.59 14.49 20.78
N LEU D 21 3.77 14.53 20.19
CA LEU D 21 4.72 15.56 20.50
C LEU D 21 4.32 16.88 19.93
N HIS D 22 4.99 17.91 20.42
CA HIS D 22 4.73 19.23 19.91
C HIS D 22 5.74 19.51 18.82
N SER D 23 5.44 19.16 17.58
CA SER D 23 6.42 19.31 16.54
C SER D 23 6.88 20.61 15.96
N GLY D 24 5.98 21.54 15.72
CA GLY D 24 6.44 22.74 15.07
C GLY D 24 5.86 22.61 13.68
N THR D 25 5.80 23.70 12.92
CA THR D 25 5.20 23.68 11.58
C THR D 25 6.11 24.03 10.42
N ALA D 26 7.41 23.83 10.54
CA ALA D 26 8.25 24.18 9.42
C ALA D 26 7.77 23.41 8.22
N LYS D 27 8.16 23.92 7.07
CA LYS D 27 7.80 23.28 5.85
C LYS D 27 8.70 22.09 5.72
N SER D 28 8.03 20.94 5.72
CA SER D 28 8.71 19.68 5.62
C SER D 28 9.10 19.09 6.93
N VAL D 29 8.43 19.50 7.99
CA VAL D 29 8.75 18.91 9.25
C VAL D 29 8.50 17.43 9.09
N THR D 30 9.34 16.62 9.69
CA THR D 30 9.28 15.17 9.60
C THR D 30 7.98 14.46 10.02
N CYS D 31 7.45 14.89 11.16
CA CYS D 31 6.24 14.42 11.81
C CYS D 31 5.64 15.62 12.53
N THR D 32 4.34 15.73 12.47
CA THR D 32 3.63 16.81 13.07
C THR D 32 2.18 16.44 13.22
N TYR D 33 1.69 16.74 14.39
CA TYR D 33 0.34 16.42 14.74
C TYR D 33 -0.52 17.64 14.95
N SER D 34 -1.75 17.59 14.42
CA SER D 34 -2.75 18.67 14.51
C SER D 34 -3.90 18.31 15.42
N PRO D 35 -3.84 18.86 16.66
CA PRO D 35 -4.82 18.65 17.72
C PRO D 35 -6.27 18.84 17.29
N ALA D 36 -6.53 19.91 16.51
CA ALA D 36 -7.83 20.28 15.97
C ALA D 36 -8.37 19.32 14.93
N LEU D 37 -7.42 18.89 14.11
CA LEU D 37 -7.64 17.99 13.01
C LEU D 37 -7.59 16.56 13.47
N ASN D 38 -6.85 16.33 14.56
CA ASN D 38 -6.60 15.01 15.12
C ASN D 38 -5.85 14.24 14.03
N LYS D 39 -4.93 14.94 13.40
CA LYS D 39 -4.23 14.35 12.30
C LYS D 39 -2.72 14.46 12.30
N MET D 40 -2.11 13.30 12.06
CA MET D 40 -0.68 13.19 11.95
C MET D 40 -0.29 13.57 10.53
N PHE D 41 0.78 14.34 10.37
CA PHE D 41 1.25 14.71 9.04
C PHE D 41 2.72 14.32 9.04
N CYS D 42 3.10 13.28 8.29
CA CYS D 42 4.48 12.84 8.29
C CYS D 42 5.03 12.54 6.90
N GLN D 43 6.35 12.29 6.84
CA GLN D 43 7.04 11.96 5.62
C GLN D 43 7.29 10.47 5.61
N LEU D 44 7.35 9.92 4.43
CA LEU D 44 7.58 8.51 4.23
C LEU D 44 8.87 8.03 4.92
N ALA D 45 8.77 6.94 5.65
CA ALA D 45 9.91 6.36 6.33
C ALA D 45 10.46 7.12 7.54
N LYS D 46 9.95 8.34 7.79
CA LYS D 46 10.38 9.18 8.92
C LYS D 46 9.77 8.74 10.25
N THR D 47 10.43 9.09 11.35
CA THR D 47 9.92 8.73 12.68
C THR D 47 8.59 9.41 13.01
N CYS D 48 7.60 8.58 13.35
CA CYS D 48 6.27 9.04 13.74
C CYS D 48 6.05 8.59 15.17
N PRO D 49 6.44 9.45 16.12
CA PRO D 49 6.28 9.07 17.50
C PRO D 49 4.83 9.15 17.93
N VAL D 50 4.37 8.11 18.62
CA VAL D 50 3.01 8.03 19.15
C VAL D 50 3.10 7.65 20.64
N GLN D 51 2.61 8.48 21.56
CA GLN D 51 2.74 8.13 22.98
C GLN D 51 1.58 7.39 23.60
N LEU D 52 1.91 6.36 24.38
CA LEU D 52 0.88 5.59 25.05
C LEU D 52 0.69 5.98 26.52
N TRP D 53 -0.51 6.46 26.83
CA TRP D 53 -0.89 6.88 28.18
C TRP D 53 -2.00 6.09 28.78
N VAL D 54 -1.72 5.44 29.90
CA VAL D 54 -2.74 4.71 30.61
C VAL D 54 -2.98 5.38 31.99
N ASP D 55 -4.10 5.06 32.60
CA ASP D 55 -4.42 5.59 33.93
C ASP D 55 -3.96 4.58 34.96
N SER D 56 -3.90 3.33 34.50
CA SER D 56 -3.48 2.19 35.30
C SER D 56 -2.76 1.15 34.44
N THR D 57 -1.62 0.68 34.91
CA THR D 57 -0.88 -0.31 34.14
C THR D 57 -1.70 -1.57 33.78
N PRO D 58 -1.67 -1.94 32.48
CA PRO D 58 -2.37 -3.13 31.99
C PRO D 58 -1.60 -4.35 32.47
N PRO D 59 -2.22 -5.54 32.47
CA PRO D 59 -1.50 -6.72 32.94
C PRO D 59 -0.36 -7.10 32.00
N PRO D 60 0.33 -8.18 32.28
CA PRO D 60 1.41 -8.59 31.39
C PRO D 60 0.80 -9.29 30.18
N GLY D 61 1.51 -9.40 29.06
CA GLY D 61 0.93 -10.06 27.89
C GLY D 61 0.26 -9.04 26.96
N THR D 62 -0.01 -7.89 27.53
CA THR D 62 -0.61 -6.84 26.78
C THR D 62 0.28 -6.42 25.64
N ARG D 63 -0.32 -6.39 24.48
CA ARG D 63 0.34 -6.01 23.27
C ARG D 63 -0.34 -4.76 22.69
N VAL D 64 0.38 -4.08 21.79
CA VAL D 64 -0.11 -2.88 21.13
C VAL D 64 -0.17 -3.16 19.66
N ARG D 65 -1.29 -2.83 19.06
CA ARG D 65 -1.43 -3.08 17.65
C ARG D 65 -1.81 -1.86 16.87
N ALA D 66 -1.21 -1.73 15.70
CA ALA D 66 -1.54 -0.63 14.83
C ALA D 66 -2.05 -1.22 13.51
N MET D 67 -2.99 -0.52 12.88
CA MET D 67 -3.57 -0.93 11.62
C MET D 67 -4.18 0.28 10.93
N ALA D 68 -4.13 0.34 9.60
CA ALA D 68 -4.71 1.49 8.92
C ALA D 68 -5.98 1.08 8.22
N ILE D 69 -6.82 2.08 7.98
CA ILE D 69 -8.08 1.91 7.28
C ILE D 69 -8.39 3.21 6.56
N TYR D 70 -9.13 3.11 5.45
CA TYR D 70 -9.53 4.31 4.70
C TYR D 70 -10.55 5.01 5.56
N LYS D 71 -10.45 6.30 5.58
CA LYS D 71 -11.33 7.11 6.37
C LYS D 71 -12.78 7.12 5.83
N GLN D 72 -12.88 7.13 4.49
CA GLN D 72 -14.11 7.13 3.72
C GLN D 72 -14.85 5.80 3.72
N SER D 73 -16.17 5.95 3.85
CA SER D 73 -17.18 4.92 3.91
C SER D 73 -17.01 3.73 2.97
N GLN D 74 -17.09 4.00 1.67
CA GLN D 74 -16.96 2.96 0.67
C GLN D 74 -15.63 2.22 0.75
N HIS D 75 -14.57 3.01 0.85
CA HIS D 75 -13.19 2.57 0.91
C HIS D 75 -12.75 1.79 2.13
N MET D 76 -13.57 1.80 3.18
CA MET D 76 -13.22 1.12 4.41
C MET D 76 -13.07 -0.38 4.25
N THR D 77 -13.55 -0.89 3.15
CA THR D 77 -13.41 -2.31 2.99
C THR D 77 -12.13 -2.65 2.28
N GLU D 78 -11.48 -1.66 1.66
CA GLU D 78 -10.24 -1.93 0.94
C GLU D 78 -9.06 -2.02 1.87
N VAL D 79 -8.48 -3.22 1.96
CA VAL D 79 -7.31 -3.42 2.78
C VAL D 79 -6.34 -2.35 2.34
N VAL D 80 -5.81 -1.57 3.30
CA VAL D 80 -4.86 -0.51 3.03
C VAL D 80 -3.49 -1.15 2.86
N ARG D 81 -2.78 -0.81 1.83
CA ARG D 81 -1.50 -1.46 1.69
C ARG D 81 -0.61 -0.64 0.80
N ARG D 82 0.64 -1.06 0.69
CA ARG D 82 1.56 -0.32 -0.14
C ARG D 82 1.20 -0.36 -1.60
N CYS D 83 1.53 0.72 -2.30
CA CYS D 83 1.30 0.79 -3.71
C CYS D 83 2.19 -0.25 -4.37
N PRO D 84 1.81 -0.66 -5.59
CA PRO D 84 2.52 -1.67 -6.36
C PRO D 84 3.98 -1.35 -6.58
N HIS D 85 4.24 -0.12 -6.98
CA HIS D 85 5.63 0.25 -7.18
C HIS D 85 6.47 0.02 -5.93
N HIS D 86 6.13 0.73 -4.85
CA HIS D 86 6.85 0.65 -3.59
C HIS D 86 6.91 -0.73 -3.04
N GLU D 87 5.86 -1.47 -3.30
CA GLU D 87 5.90 -2.80 -2.79
C GLU D 87 6.91 -3.61 -3.57
N ARG D 88 6.92 -3.40 -4.87
CA ARG D 88 7.85 -4.13 -5.72
C ARG D 88 9.32 -3.85 -5.41
N CYS D 89 9.62 -2.55 -5.20
CA CYS D 89 10.96 -2.09 -4.89
C CYS D 89 11.17 -1.96 -3.40
N SER D 90 10.37 -2.66 -2.62
CA SER D 90 10.51 -2.59 -1.20
C SER D 90 11.85 -3.06 -0.67
N ASP D 91 12.14 -2.52 0.50
CA ASP D 91 13.30 -2.80 1.28
C ASP D 91 12.72 -3.43 2.50
N SER D 92 13.56 -3.73 3.45
CA SER D 92 13.05 -4.31 4.66
C SER D 92 14.10 -4.20 5.72
N ASP D 93 13.70 -4.59 6.91
CA ASP D 93 14.59 -4.52 8.05
C ASP D 93 14.83 -5.84 8.73
N GLY D 94 14.53 -6.91 8.02
CA GLY D 94 14.70 -8.21 8.59
C GLY D 94 13.39 -8.66 9.16
N LEU D 95 12.42 -7.75 9.24
CA LEU D 95 11.12 -8.13 9.80
C LEU D 95 9.94 -7.67 8.98
N ALA D 96 9.96 -6.40 8.65
CA ALA D 96 8.85 -5.84 7.94
C ALA D 96 8.66 -6.44 6.57
N PRO D 97 7.41 -6.83 6.28
CA PRO D 97 7.10 -7.39 4.98
C PRO D 97 6.85 -6.25 4.01
N PRO D 98 7.03 -6.50 2.70
CA PRO D 98 6.91 -5.45 1.71
C PRO D 98 5.57 -4.86 1.42
N GLN D 99 4.55 -5.59 1.80
CA GLN D 99 3.20 -5.16 1.58
C GLN D 99 2.71 -4.22 2.69
N HIS D 100 3.28 -4.31 3.90
CA HIS D 100 2.85 -3.43 4.99
C HIS D 100 3.22 -1.97 4.83
N LEU D 101 2.23 -1.13 5.09
CA LEU D 101 2.40 0.30 5.01
C LEU D 101 3.02 0.84 6.29
N ILE D 102 2.53 0.38 7.43
CA ILE D 102 3.03 0.80 8.72
C ILE D 102 4.08 -0.13 9.29
N ARG D 103 5.21 0.43 9.68
CA ARG D 103 6.24 -0.36 10.31
C ARG D 103 6.54 0.26 11.68
N VAL D 104 7.15 -0.52 12.53
CA VAL D 104 7.59 -0.07 13.84
C VAL D 104 9.12 -0.03 13.80
N GLU D 105 9.67 1.12 14.12
CA GLU D 105 11.09 1.37 14.11
C GLU D 105 11.72 1.08 15.47
N GLY D 106 12.93 0.56 15.44
CA GLY D 106 13.71 0.22 16.63
C GLY D 106 13.05 -0.70 17.66
N ASN D 107 12.36 -1.75 17.25
CA ASN D 107 11.75 -2.66 18.22
C ASN D 107 11.85 -4.11 17.78
N LEU D 108 12.97 -4.70 18.10
CA LEU D 108 13.30 -6.07 17.80
C LEU D 108 12.23 -7.05 18.25
N ARG D 109 11.14 -6.57 18.82
CA ARG D 109 10.13 -7.52 19.26
C ARG D 109 8.86 -7.40 18.49
N VAL D 110 8.90 -6.59 17.45
CA VAL D 110 7.78 -6.32 16.56
C VAL D 110 7.30 -7.59 15.85
N GLU D 111 6.03 -7.63 15.49
CA GLU D 111 5.46 -8.77 14.77
C GLU D 111 4.61 -8.25 13.66
N TYR D 112 4.64 -8.90 12.50
CA TYR D 112 3.78 -8.44 11.41
C TYR D 112 2.74 -9.45 10.97
N LEU D 113 1.48 -8.96 10.96
CA LEU D 113 0.34 -9.76 10.55
C LEU D 113 -0.48 -9.33 9.35
N ASP D 114 -0.75 -10.36 8.57
CA ASP D 114 -1.58 -10.34 7.41
C ASP D 114 -2.66 -11.36 7.76
N ASP D 115 -3.81 -10.91 8.31
CA ASP D 115 -4.85 -11.83 8.77
C ASP D 115 -5.40 -12.70 7.65
N ARG D 116 -5.31 -13.98 7.91
CA ARG D 116 -5.76 -14.93 6.94
C ARG D 116 -7.22 -14.81 6.52
N ASN D 117 -8.07 -14.27 7.38
CA ASN D 117 -9.49 -14.16 7.10
C ASN D 117 -9.98 -12.79 6.72
N THR D 118 -9.09 -11.82 6.75
CA THR D 118 -9.46 -10.45 6.41
C THR D 118 -8.39 -9.90 5.51
N PHE D 119 -7.28 -10.61 5.58
CA PHE D 119 -6.07 -10.28 4.89
C PHE D 119 -5.46 -8.99 5.45
N ARG D 120 -6.28 -8.23 6.21
CA ARG D 120 -5.96 -6.97 6.89
C ARG D 120 -4.53 -7.00 7.45
N HIS D 121 -3.71 -5.96 7.23
CA HIS D 121 -2.35 -6.01 7.79
C HIS D 121 -2.16 -5.19 9.03
N SER D 122 -1.31 -5.69 9.92
CA SER D 122 -1.04 -4.97 11.14
C SER D 122 0.31 -5.32 11.75
N VAL D 123 0.82 -4.40 12.59
CA VAL D 123 2.08 -4.52 13.32
C VAL D 123 1.80 -4.43 14.81
N VAL D 124 2.23 -5.42 15.57
CA VAL D 124 1.96 -5.42 16.98
C VAL D 124 3.25 -5.58 17.76
N VAL D 125 3.37 -4.77 18.79
CA VAL D 125 4.53 -4.79 19.63
C VAL D 125 4.13 -5.06 21.08
N PRO D 126 5.02 -5.51 21.96
CA PRO D 126 4.49 -5.70 23.30
C PRO D 126 4.28 -4.35 24.00
N TYR D 127 3.28 -4.28 24.90
CA TYR D 127 3.04 -3.07 25.66
C TYR D 127 4.13 -3.04 26.73
N GLU D 128 4.89 -1.94 26.81
CA GLU D 128 5.96 -1.80 27.81
C GLU D 128 5.59 -0.68 28.74
N PRO D 129 5.44 -0.95 30.04
CA PRO D 129 5.10 0.13 30.92
C PRO D 129 6.22 1.13 30.91
N PRO D 130 5.88 2.38 31.15
CA PRO D 130 6.87 3.39 31.16
C PRO D 130 7.88 3.10 32.25
N GLU D 131 9.10 3.64 32.04
CA GLU D 131 10.21 3.50 32.95
C GLU D 131 9.97 4.31 34.20
N VAL D 132 10.54 3.82 35.29
CA VAL D 132 10.46 4.49 36.57
C VAL D 132 10.74 5.94 36.25
N GLY D 133 9.97 6.86 36.80
CA GLY D 133 10.20 8.27 36.50
C GLY D 133 9.64 8.77 35.18
N SER D 134 8.95 7.92 34.43
CA SER D 134 8.36 8.34 33.19
C SER D 134 6.86 8.32 33.37
N ASP D 135 6.11 8.93 32.43
CA ASP D 135 4.65 8.97 32.48
C ASP D 135 3.99 8.16 31.35
N CYS D 136 4.70 8.01 30.23
CA CYS D 136 4.17 7.27 29.10
C CYS D 136 5.20 6.43 28.38
N THR D 137 4.70 5.63 27.44
CA THR D 137 5.51 4.74 26.61
C THR D 137 5.33 5.07 25.12
N THR D 138 6.46 5.27 24.46
CA THR D 138 6.47 5.61 23.05
C THR D 138 6.79 4.47 22.13
N ILE D 139 6.09 4.51 21.00
CA ILE D 139 6.21 3.58 19.90
C ILE D 139 6.52 4.42 18.70
N HIS D 140 7.57 4.08 17.98
CA HIS D 140 7.90 4.83 16.83
C HIS D 140 7.41 4.06 15.60
N TYR D 141 6.58 4.68 14.77
CA TYR D 141 6.03 4.05 13.58
C TYR D 141 6.57 4.80 12.37
N ASN D 142 6.56 4.13 11.21
CA ASN D 142 6.98 4.69 9.93
C ASN D 142 5.95 4.32 8.87
N TYR D 143 5.58 5.29 8.04
CA TYR D 143 4.63 5.10 6.93
C TYR D 143 5.42 5.05 5.64
N MET D 144 5.33 3.86 5.03
CA MET D 144 6.03 3.44 3.85
C MET D 144 5.62 3.90 2.48
N CYS D 145 4.53 4.63 2.38
CA CYS D 145 4.04 5.16 1.12
C CYS D 145 3.46 6.53 1.40
N ASN D 146 3.43 7.42 0.45
CA ASN D 146 2.78 8.70 0.69
C ASN D 146 1.27 8.51 0.55
N SER D 147 0.46 9.39 1.12
CA SER D 147 -0.99 9.27 0.99
C SER D 147 -1.44 9.35 -0.46
N SER D 148 -0.63 10.00 -1.29
CA SER D 148 -0.91 10.19 -2.71
C SER D 148 -0.34 9.09 -3.63
N CYS D 149 0.11 7.98 -3.07
CA CYS D 149 0.64 6.90 -3.89
C CYS D 149 -0.41 6.31 -4.82
N MET D 150 -0.35 6.66 -6.11
CA MET D 150 -1.32 6.10 -7.04
C MET D 150 -1.19 4.61 -7.01
N GLY D 151 -2.28 3.89 -6.98
CA GLY D 151 -2.13 2.46 -6.95
C GLY D 151 -2.26 1.95 -5.52
N GLY D 152 -1.97 2.85 -4.57
CA GLY D 152 -2.08 2.52 -3.17
C GLY D 152 -3.16 3.41 -2.55
N MET D 153 -2.70 4.26 -1.62
CA MET D 153 -3.49 5.24 -0.89
C MET D 153 -4.29 6.04 -1.87
N ASN D 154 -3.71 6.17 -3.06
CA ASN D 154 -4.31 6.89 -4.17
C ASN D 154 -4.95 8.23 -3.82
N ARG D 155 -4.40 8.84 -2.78
CA ARG D 155 -4.77 10.15 -2.25
C ARG D 155 -5.89 10.14 -1.23
N ARG D 156 -6.30 8.95 -0.83
CA ARG D 156 -7.38 8.78 0.10
C ARG D 156 -6.89 8.72 1.53
N PRO D 157 -7.67 9.35 2.43
CA PRO D 157 -7.39 9.38 3.85
C PRO D 157 -7.48 8.07 4.57
N ILE D 158 -6.52 7.93 5.48
CA ILE D 158 -6.44 6.74 6.30
C ILE D 158 -6.50 7.10 7.78
N LEU D 159 -6.90 6.12 8.58
CA LEU D 159 -6.97 6.24 10.02
C LEU D 159 -6.02 5.21 10.56
N THR D 160 -5.26 5.59 11.58
CA THR D 160 -4.43 4.59 12.17
C THR D 160 -5.16 4.26 13.43
N ILE D 161 -5.39 3.00 13.67
CA ILE D 161 -6.13 2.62 14.84
C ILE D 161 -5.23 1.85 15.77
N ILE D 162 -5.00 2.37 16.98
CA ILE D 162 -4.13 1.67 17.92
C ILE D 162 -4.95 0.80 18.83
N THR D 163 -4.50 -0.41 19.01
CA THR D 163 -5.27 -1.28 19.85
C THR D 163 -4.44 -1.94 20.91
N LEU D 164 -4.85 -1.75 22.18
CA LEU D 164 -4.19 -2.37 23.32
C LEU D 164 -4.81 -3.76 23.40
N GLU D 165 -4.05 -4.80 23.61
CA GLU D 165 -4.75 -6.06 23.67
C GLU D 165 -3.99 -7.02 24.52
N ASP D 166 -4.62 -8.11 24.94
CA ASP D 166 -3.90 -9.06 25.75
C ASP D 166 -3.29 -10.20 24.99
N SER D 167 -2.38 -10.89 25.65
CA SER D 167 -1.68 -12.01 25.03
C SER D 167 -2.62 -12.93 24.28
N SER D 168 -3.87 -12.84 24.70
CA SER D 168 -5.03 -13.57 24.23
C SER D 168 -5.60 -13.00 22.93
N GLY D 169 -5.44 -11.70 22.78
CA GLY D 169 -5.95 -10.99 21.63
C GLY D 169 -7.21 -10.20 22.03
N ASN D 170 -7.54 -10.14 23.32
CA ASN D 170 -8.72 -9.41 23.72
C ASN D 170 -8.60 -7.91 23.74
N LEU D 171 -9.58 -7.26 23.18
CA LEU D 171 -9.49 -5.84 23.17
C LEU D 171 -9.50 -5.32 24.59
N LEU D 172 -8.50 -4.51 24.92
CA LEU D 172 -8.46 -3.91 26.23
C LEU D 172 -8.63 -2.42 26.06
N GLY D 173 -8.33 -1.89 24.86
CA GLY D 173 -8.43 -0.45 24.62
C GLY D 173 -8.37 -0.01 23.17
N ARG D 174 -8.78 1.23 22.89
CA ARG D 174 -8.76 1.64 21.50
C ARG D 174 -8.73 3.13 21.29
N ASN D 175 -7.95 3.53 20.28
CA ASN D 175 -7.78 4.90 19.85
C ASN D 175 -7.46 4.98 18.38
N SER D 176 -7.52 6.21 17.86
CA SER D 176 -7.31 6.48 16.47
C SER D 176 -6.93 7.90 16.19
N PHE D 177 -6.36 8.04 15.02
CA PHE D 177 -5.94 9.30 14.50
C PHE D 177 -5.91 9.21 13.00
N GLU D 178 -6.15 10.30 12.35
CA GLU D 178 -6.05 10.15 10.93
C GLU D 178 -4.59 10.44 10.59
N VAL D 179 -4.13 10.04 9.42
CA VAL D 179 -2.76 10.30 9.04
C VAL D 179 -2.62 10.74 7.62
N ARG D 180 -1.72 11.65 7.40
CA ARG D 180 -1.45 12.07 6.07
C ARG D 180 0.03 11.96 5.79
N VAL D 181 0.42 11.03 4.93
CA VAL D 181 1.81 10.88 4.58
C VAL D 181 2.09 11.73 3.36
N CYS D 182 2.96 12.73 3.48
CA CYS D 182 3.26 13.62 2.38
C CYS D 182 4.66 14.18 2.47
N ALA D 183 5.06 14.91 1.46
CA ALA D 183 6.35 15.56 1.51
C ALA D 183 5.97 16.87 2.11
N CYS D 184 6.75 17.50 2.96
CA CYS D 184 6.22 18.79 3.45
C CYS D 184 5.06 18.70 4.45
N PRO D 185 5.17 17.92 5.52
CA PRO D 185 4.04 17.88 6.43
C PRO D 185 3.71 19.24 7.06
N GLY D 186 4.68 20.14 7.04
CA GLY D 186 4.58 21.47 7.61
C GLY D 186 3.60 22.38 6.90
N ARG D 187 3.84 22.52 5.62
CA ARG D 187 3.00 23.34 4.79
C ARG D 187 1.59 22.78 4.72
N ASP D 188 1.49 21.48 4.71
CA ASP D 188 0.18 20.90 4.63
C ASP D 188 -0.66 20.93 5.88
N ARG D 189 -0.08 21.06 7.06
CA ARG D 189 -0.98 21.07 8.20
C ARG D 189 -1.59 22.45 8.40
N ARG D 190 -0.77 23.47 8.16
CA ARG D 190 -1.11 24.87 8.23
C ARG D 190 -2.37 25.13 7.42
N THR D 191 -2.21 24.72 6.16
CA THR D 191 -3.14 24.79 5.05
C THR D 191 -4.44 24.11 5.38
N GLU D 192 -4.35 22.87 5.76
CA GLU D 192 -5.53 22.15 6.10
C GLU D 192 -6.16 22.67 7.38
N GLU D 193 -5.51 23.68 7.96
CA GLU D 193 -5.93 24.35 9.19
C GLU D 193 -6.63 25.65 8.83
N GLU D 194 -5.98 26.31 7.84
CA GLU D 194 -6.38 27.54 7.20
C GLU D 194 -7.78 27.30 6.69
N ASN D 195 -7.94 26.02 6.35
CA ASN D 195 -9.14 25.44 5.84
C ASN D 195 -10.18 25.50 6.91
N LEU D 196 -9.72 25.23 8.14
CA LEU D 196 -10.54 25.23 9.34
C LEU D 196 -11.17 23.86 9.66
N SER E 2 -39.79 -19.38 -7.95
CA SER E 2 -40.43 -18.08 -7.89
C SER E 2 -40.65 -17.62 -9.32
N SER E 3 -41.84 -17.32 -9.85
CA SER E 3 -41.64 -16.90 -11.24
C SER E 3 -40.98 -15.55 -11.41
N VAL E 4 -41.52 -14.64 -10.59
CA VAL E 4 -41.11 -13.27 -10.43
C VAL E 4 -41.44 -12.87 -8.99
N PRO E 5 -40.48 -13.08 -8.08
CA PRO E 5 -40.66 -12.78 -6.66
C PRO E 5 -41.31 -11.45 -6.39
N SER E 6 -42.15 -11.40 -5.36
CA SER E 6 -42.77 -10.15 -4.99
C SER E 6 -41.69 -9.16 -4.53
N GLN E 7 -41.92 -7.89 -4.77
CA GLN E 7 -40.95 -6.93 -4.37
C GLN E 7 -41.55 -5.98 -3.33
N LYS E 8 -42.66 -6.40 -2.76
CA LYS E 8 -43.35 -5.57 -1.79
C LYS E 8 -42.61 -5.41 -0.47
N THR E 9 -42.62 -4.18 0.04
CA THR E 9 -41.98 -3.93 1.32
C THR E 9 -42.78 -4.57 2.43
N TYR E 10 -42.05 -5.23 3.32
CA TYR E 10 -42.62 -5.91 4.45
C TYR E 10 -41.61 -5.94 5.56
N GLN E 11 -41.72 -4.97 6.46
CA GLN E 11 -40.84 -4.86 7.59
C GLN E 11 -41.00 -6.08 8.50
N GLY E 12 -42.19 -6.69 8.44
CA GLY E 12 -42.51 -7.89 9.21
C GLY E 12 -42.23 -7.81 10.69
N SER E 13 -42.28 -8.95 11.35
CA SER E 13 -42.05 -8.99 12.79
C SER E 13 -40.80 -8.35 13.41
N TYR E 14 -39.73 -8.08 12.64
CA TYR E 14 -38.49 -7.51 13.18
C TYR E 14 -38.26 -6.03 12.90
N GLY E 15 -39.21 -5.38 12.25
CA GLY E 15 -39.04 -3.97 11.94
C GLY E 15 -37.89 -3.76 10.98
N PHE E 16 -37.81 -4.68 10.01
CA PHE E 16 -36.80 -4.71 8.97
C PHE E 16 -36.87 -3.46 8.06
N ARG E 17 -35.74 -2.73 8.00
CA ARG E 17 -35.56 -1.51 7.24
C ARG E 17 -34.25 -1.56 6.51
N LEU E 18 -34.08 -0.64 5.56
CA LEU E 18 -32.82 -0.58 4.83
C LEU E 18 -32.27 0.79 5.09
N GLY E 19 -30.95 0.91 5.14
CA GLY E 19 -30.32 2.18 5.35
C GLY E 19 -29.32 2.40 4.25
N PHE E 20 -28.94 3.65 4.03
CA PHE E 20 -28.00 4.00 2.98
C PHE E 20 -27.07 5.14 3.39
N LEU E 21 -25.83 5.14 2.89
CA LEU E 21 -24.84 6.18 3.19
C LEU E 21 -25.27 7.57 2.69
N HIS E 22 -24.48 8.61 2.97
CA HIS E 22 -24.90 9.92 2.48
C HIS E 22 -23.85 10.67 1.68
N SER E 23 -23.87 10.54 0.36
CA SER E 23 -22.91 11.23 -0.50
C SER E 23 -23.69 12.08 -1.51
N GLY E 24 -23.12 13.16 -2.05
CA GLY E 24 -23.87 13.98 -3.02
C GLY E 24 -23.67 13.51 -4.46
N THR E 25 -23.96 14.36 -5.45
CA THR E 25 -23.79 13.93 -6.82
C THR E 25 -22.40 14.10 -7.44
N ALA E 26 -21.35 13.91 -6.66
CA ALA E 26 -20.03 14.05 -7.24
C ALA E 26 -19.65 12.91 -8.19
N LYS E 27 -18.79 13.23 -9.16
CA LYS E 27 -18.35 12.22 -10.10
C LYS E 27 -17.54 11.20 -9.32
N SER E 28 -16.77 11.77 -8.39
CA SER E 28 -15.88 11.08 -7.47
C SER E 28 -16.65 10.18 -6.49
N VAL E 29 -17.98 10.29 -6.58
CA VAL E 29 -18.88 9.50 -5.78
C VAL E 29 -19.28 8.32 -6.61
N THR E 30 -18.62 7.26 -6.25
CA THR E 30 -18.72 5.96 -6.83
C THR E 30 -20.11 5.36 -6.67
N CYS E 31 -20.59 5.38 -5.42
CA CYS E 31 -21.89 4.87 -5.04
C CYS E 31 -22.68 5.96 -4.38
N THR E 32 -23.95 6.01 -4.74
CA THR E 32 -24.80 7.02 -4.18
C THR E 32 -26.26 6.61 -4.28
N TYR E 33 -26.95 6.79 -3.15
CA TYR E 33 -28.35 6.47 -2.97
C TYR E 33 -29.23 7.71 -3.09
N SER E 34 -30.33 7.60 -3.82
CA SER E 34 -31.27 8.71 -4.01
C SER E 34 -32.56 8.48 -3.26
N PRO E 35 -32.73 9.09 -2.10
CA PRO E 35 -33.94 8.88 -1.33
C PRO E 35 -35.24 9.20 -2.07
N ALA E 36 -35.18 10.18 -2.95
CA ALA E 36 -36.35 10.64 -3.70
C ALA E 36 -36.77 9.68 -4.80
N LEU E 37 -35.76 9.11 -5.41
CA LEU E 37 -35.91 8.17 -6.48
C LEU E 37 -35.86 6.74 -5.91
N ASN E 38 -35.45 6.59 -4.64
CA ASN E 38 -35.32 5.28 -3.99
C ASN E 38 -34.58 4.31 -4.85
N LYS E 39 -33.61 4.91 -5.47
CA LYS E 39 -32.71 4.30 -6.40
C LYS E 39 -31.28 4.54 -5.92
N MET E 40 -30.43 3.55 -6.14
CA MET E 40 -29.06 3.65 -5.76
C MET E 40 -28.23 3.60 -7.01
N PHE E 41 -27.32 4.56 -7.17
CA PHE E 41 -26.44 4.54 -8.33
C PHE E 41 -25.07 4.22 -7.83
N CYS E 42 -24.35 3.55 -8.68
CA CYS E 42 -23.02 3.18 -8.35
C CYS E 42 -22.35 2.83 -9.65
N GLN E 43 -21.08 2.40 -9.60
CA GLN E 43 -20.34 2.05 -10.79
C GLN E 43 -19.77 0.65 -10.66
N LEU E 44 -19.62 0.05 -11.80
CA LEU E 44 -19.14 -1.29 -11.90
C LEU E 44 -18.00 -1.68 -10.98
N ALA E 45 -18.26 -2.79 -10.27
CA ALA E 45 -17.38 -3.51 -9.33
C ALA E 45 -17.07 -2.94 -7.97
N LYS E 46 -17.48 -1.71 -7.74
CA LYS E 46 -17.28 -1.00 -6.51
C LYS E 46 -18.13 -1.44 -5.32
N THR E 47 -17.95 -0.72 -4.21
CA THR E 47 -18.62 -0.97 -2.96
C THR E 47 -19.97 -0.31 -2.72
N CYS E 48 -20.91 -1.19 -2.43
CA CYS E 48 -22.27 -0.83 -2.16
C CYS E 48 -22.65 -1.28 -0.75
N PRO E 49 -22.60 -0.29 0.14
CA PRO E 49 -22.92 -0.51 1.54
C PRO E 49 -24.41 -0.39 1.80
N VAL E 50 -24.94 -1.46 2.38
CA VAL E 50 -26.35 -1.48 2.70
C VAL E 50 -26.61 -1.72 4.19
N GLN E 51 -27.32 -0.75 4.78
CA GLN E 51 -27.67 -0.80 6.19
C GLN E 51 -28.97 -1.48 6.50
N LEU E 52 -28.74 -2.57 7.22
CA LEU E 52 -29.68 -3.52 7.76
C LEU E 52 -30.14 -3.11 9.17
N TRP E 53 -31.27 -2.37 9.20
CA TRP E 53 -31.90 -1.86 10.40
C TRP E 53 -32.94 -2.86 10.85
N VAL E 54 -33.18 -2.90 12.14
CA VAL E 54 -34.15 -3.82 12.64
C VAL E 54 -34.66 -3.28 13.97
N ASP E 55 -35.87 -3.62 14.36
CA ASP E 55 -36.39 -3.11 15.63
C ASP E 55 -36.31 -4.18 16.65
N SER E 56 -36.36 -5.36 16.11
CA SER E 56 -36.27 -6.55 16.90
C SER E 56 -35.18 -7.39 16.31
N THR E 57 -34.38 -7.91 17.22
CA THR E 57 -33.25 -8.74 16.96
C THR E 57 -33.68 -10.13 16.52
N PRO E 58 -33.54 -10.37 15.22
CA PRO E 58 -33.90 -11.65 14.65
C PRO E 58 -32.97 -12.69 15.20
N PRO E 59 -33.51 -13.88 15.45
CA PRO E 59 -32.79 -15.01 16.01
C PRO E 59 -31.64 -15.52 15.15
N PRO E 60 -30.65 -16.05 15.87
CA PRO E 60 -29.47 -16.59 15.27
C PRO E 60 -29.87 -17.65 14.25
N GLY E 61 -29.27 -17.54 13.08
CA GLY E 61 -29.56 -18.45 12.00
C GLY E 61 -30.19 -17.69 10.86
N THR E 62 -30.76 -16.55 11.21
CA THR E 62 -31.39 -15.71 10.24
C THR E 62 -30.42 -15.43 9.11
N ARG E 63 -30.97 -15.14 7.95
CA ARG E 63 -30.17 -14.87 6.79
C ARG E 63 -30.70 -13.71 6.00
N VAL E 64 -29.78 -13.07 5.26
CA VAL E 64 -30.02 -11.94 4.40
C VAL E 64 -29.61 -12.28 2.98
N ARG E 65 -30.62 -12.53 2.15
CA ARG E 65 -30.51 -12.84 0.74
C ARG E 65 -30.82 -11.60 -0.11
N ALA E 66 -30.03 -11.37 -1.16
CA ALA E 66 -30.20 -10.28 -2.11
C ALA E 66 -30.42 -10.96 -3.45
N MET E 67 -31.24 -10.36 -4.32
CA MET E 67 -31.61 -10.86 -5.64
C MET E 67 -31.98 -9.70 -6.54
N ALA E 68 -31.55 -9.68 -7.79
CA ALA E 68 -31.95 -8.60 -8.69
C ALA E 68 -33.10 -9.13 -9.56
N ILE E 69 -34.03 -8.24 -9.95
CA ILE E 69 -35.17 -8.55 -10.84
C ILE E 69 -35.32 -7.40 -11.85
N TYR E 70 -35.82 -7.63 -13.06
CA TYR E 70 -35.94 -6.47 -13.91
C TYR E 70 -37.09 -5.71 -13.39
N LYS E 71 -37.03 -4.41 -13.60
CA LYS E 71 -38.07 -3.54 -13.12
C LYS E 71 -39.32 -3.55 -13.95
N GLN E 72 -39.17 -3.49 -15.28
CA GLN E 72 -40.35 -3.49 -16.17
C GLN E 72 -41.06 -4.84 -16.19
N SER E 73 -42.39 -4.83 -16.18
CA SER E 73 -43.10 -6.10 -16.19
C SER E 73 -42.71 -6.99 -17.36
N GLN E 74 -42.69 -6.37 -18.55
CA GLN E 74 -42.35 -6.99 -19.81
C GLN E 74 -40.99 -7.69 -19.76
N HIS E 75 -40.13 -7.37 -18.75
CA HIS E 75 -38.81 -7.99 -18.56
C HIS E 75 -38.63 -8.83 -17.29
N MET E 76 -39.64 -8.75 -16.44
CA MET E 76 -39.66 -9.42 -15.17
C MET E 76 -39.35 -10.92 -15.08
N THR E 77 -39.92 -11.73 -15.96
CA THR E 77 -39.70 -13.16 -15.87
C THR E 77 -38.30 -13.62 -16.25
N GLU E 78 -37.58 -12.78 -16.94
CA GLU E 78 -36.25 -13.10 -17.37
C GLU E 78 -35.23 -12.85 -16.26
N VAL E 79 -34.40 -13.85 -16.02
CA VAL E 79 -33.37 -13.82 -15.01
C VAL E 79 -32.30 -12.78 -15.30
N VAL E 80 -31.90 -12.09 -14.23
CA VAL E 80 -30.85 -11.09 -14.29
C VAL E 80 -29.50 -11.79 -14.21
N ARG E 81 -28.72 -11.66 -15.26
CA ARG E 81 -27.45 -12.32 -15.26
C ARG E 81 -26.42 -11.39 -15.85
N ARG E 82 -25.16 -11.75 -15.67
CA ARG E 82 -24.16 -10.88 -16.26
C ARG E 82 -24.08 -11.17 -17.75
N CYS E 83 -23.64 -10.19 -18.52
CA CYS E 83 -23.49 -10.40 -19.94
C CYS E 83 -22.47 -11.51 -20.15
N PRO E 84 -22.43 -12.10 -21.36
CA PRO E 84 -21.49 -13.19 -21.67
C PRO E 84 -20.07 -12.66 -21.59
N HIS E 85 -19.92 -11.41 -22.00
CA HIS E 85 -18.62 -10.83 -21.91
C HIS E 85 -18.02 -10.95 -20.51
N HIS E 86 -18.62 -10.16 -19.59
CA HIS E 86 -18.27 -10.02 -18.17
C HIS E 86 -18.29 -11.27 -17.38
N GLU E 87 -18.92 -12.25 -17.94
CA GLU E 87 -19.05 -13.53 -17.32
C GLU E 87 -17.80 -14.39 -17.47
N ARG E 88 -16.99 -14.10 -18.49
CA ARG E 88 -15.78 -14.86 -18.75
C ARG E 88 -14.49 -14.24 -18.17
N CYS E 89 -14.57 -13.76 -16.91
CA CYS E 89 -13.43 -13.13 -16.22
C CYS E 89 -13.75 -12.87 -14.75
N SER E 90 -14.86 -12.18 -14.54
CA SER E 90 -15.19 -11.87 -13.20
C SER E 90 -15.61 -13.13 -12.46
N ASP E 91 -14.63 -13.67 -11.72
CA ASP E 91 -14.82 -14.85 -10.91
C ASP E 91 -13.93 -14.82 -9.66
N SER E 92 -13.19 -13.72 -9.58
CA SER E 92 -12.34 -13.41 -8.45
C SER E 92 -13.13 -13.57 -7.18
N ASP E 93 -12.45 -13.97 -6.10
CA ASP E 93 -13.06 -14.21 -4.79
C ASP E 93 -13.86 -15.50 -4.80
N GLY E 94 -13.08 -16.56 -4.88
CA GLY E 94 -13.47 -17.96 -4.93
C GLY E 94 -14.93 -18.29 -4.65
N LEU E 95 -15.62 -17.44 -3.92
CA LEU E 95 -17.01 -17.72 -3.61
C LEU E 95 -17.99 -17.30 -4.70
N ALA E 96 -17.72 -16.18 -5.33
CA ALA E 96 -18.63 -15.70 -6.34
C ALA E 96 -18.58 -16.30 -7.74
N PRO E 97 -19.57 -17.12 -8.06
CA PRO E 97 -19.71 -17.72 -9.39
C PRO E 97 -19.76 -16.60 -10.45
N PRO E 98 -19.03 -16.77 -11.57
CA PRO E 98 -18.92 -15.81 -12.67
C PRO E 98 -20.20 -15.18 -13.27
N GLN E 99 -21.35 -15.91 -13.27
CA GLN E 99 -22.65 -15.43 -13.81
C GLN E 99 -23.40 -14.44 -12.93
N HIS E 100 -23.22 -14.56 -11.62
CA HIS E 100 -23.87 -13.73 -10.64
C HIS E 100 -23.56 -12.27 -10.80
N LEU E 101 -24.61 -11.48 -10.89
CA LEU E 101 -24.46 -10.05 -11.02
C LEU E 101 -24.06 -9.42 -9.67
N ILE E 102 -24.78 -9.83 -8.63
CA ILE E 102 -24.53 -9.29 -7.31
C ILE E 102 -23.67 -10.13 -6.44
N ARG E 103 -22.64 -9.52 -5.86
CA ARG E 103 -21.82 -10.21 -4.90
C ARG E 103 -21.67 -9.34 -3.67
N VAL E 104 -21.38 -9.98 -2.57
CA VAL E 104 -21.13 -9.29 -1.34
C VAL E 104 -19.66 -9.49 -0.95
N GLU E 105 -18.95 -8.45 -0.58
CA GLU E 105 -17.55 -8.63 -0.22
C GLU E 105 -17.29 -8.41 1.25
N GLY E 106 -16.34 -9.13 1.79
CA GLY E 106 -16.02 -8.94 3.18
C GLY E 106 -16.73 -9.90 4.13
N ASN E 107 -17.31 -10.94 3.57
CA ASN E 107 -18.00 -11.94 4.36
C ASN E 107 -17.58 -13.33 3.99
N LEU E 108 -16.82 -13.91 4.91
CA LEU E 108 -16.34 -15.26 4.73
C LEU E 108 -17.50 -16.21 4.45
N ARG E 109 -18.61 -15.99 5.15
CA ARG E 109 -19.77 -16.83 4.98
C ARG E 109 -20.71 -16.56 3.79
N VAL E 110 -20.31 -15.91 2.71
CA VAL E 110 -21.29 -15.75 1.63
C VAL E 110 -21.70 -17.12 1.13
N GLU E 111 -22.90 -17.17 0.56
CA GLU E 111 -23.47 -18.38 0.01
C GLU E 111 -24.31 -18.05 -1.23
N TYR E 112 -23.77 -18.43 -2.38
CA TYR E 112 -24.40 -18.22 -3.65
C TYR E 112 -25.39 -19.30 -4.01
N LEU E 113 -26.52 -18.86 -4.55
CA LEU E 113 -27.60 -19.74 -4.92
C LEU E 113 -27.86 -19.62 -6.39
N ASP E 114 -28.72 -20.48 -6.85
CA ASP E 114 -29.12 -20.54 -8.22
C ASP E 114 -30.33 -21.39 -8.13
N ASP E 115 -31.51 -20.82 -8.19
CA ASP E 115 -32.62 -21.73 -8.08
C ASP E 115 -32.53 -22.77 -9.20
N ARG E 116 -32.44 -24.03 -8.81
CA ARG E 116 -32.36 -25.07 -9.80
C ARG E 116 -33.63 -25.16 -10.62
N ASN E 117 -34.71 -24.54 -10.09
CA ASN E 117 -36.03 -24.54 -10.72
C ASN E 117 -36.52 -23.17 -11.18
N THR E 118 -35.73 -22.14 -10.99
CA THR E 118 -36.16 -20.82 -11.40
C THR E 118 -34.99 -20.08 -11.97
N PHE E 119 -33.84 -20.70 -11.74
CA PHE E 119 -32.59 -20.22 -12.24
C PHE E 119 -32.15 -18.88 -11.72
N ARG E 120 -32.92 -18.35 -10.79
CA ARG E 120 -32.53 -17.06 -10.26
C ARG E 120 -31.34 -17.15 -9.33
N HIS E 121 -30.51 -16.16 -9.49
CA HIS E 121 -29.30 -16.04 -8.75
C HIS E 121 -29.46 -15.15 -7.51
N SER E 122 -28.98 -15.66 -6.37
CA SER E 122 -29.00 -14.96 -5.08
C SER E 122 -27.70 -15.15 -4.31
N VAL E 123 -27.38 -14.13 -3.52
CA VAL E 123 -26.24 -14.09 -2.63
C VAL E 123 -26.81 -14.03 -1.22
N VAL E 124 -26.51 -15.06 -0.42
CA VAL E 124 -27.01 -15.11 0.94
C VAL E 124 -25.93 -14.79 1.93
N VAL E 125 -26.31 -14.33 3.10
CA VAL E 125 -25.32 -14.02 4.11
C VAL E 125 -25.96 -14.31 5.45
N PRO E 126 -25.20 -14.27 6.53
CA PRO E 126 -25.88 -14.58 7.78
C PRO E 126 -26.29 -13.31 8.53
N TYR E 127 -27.48 -13.33 9.16
CA TYR E 127 -27.87 -12.14 9.89
C TYR E 127 -26.85 -11.93 11.00
N GLU E 128 -26.56 -10.70 11.22
CA GLU E 128 -25.62 -10.36 12.23
C GLU E 128 -26.04 -9.05 12.85
N PRO E 129 -26.01 -9.05 14.16
CA PRO E 129 -26.33 -7.91 14.97
C PRO E 129 -25.39 -6.75 14.69
N PRO E 130 -25.92 -5.55 14.86
CA PRO E 130 -25.16 -4.34 14.63
C PRO E 130 -23.99 -4.23 15.61
N GLU E 131 -22.91 -3.55 15.17
CA GLU E 131 -21.67 -3.38 15.95
C GLU E 131 -21.77 -2.80 17.34
N VAL E 132 -21.33 -3.59 18.31
CA VAL E 132 -21.27 -3.28 19.72
C VAL E 132 -21.98 -1.98 20.13
N GLY E 133 -21.54 -0.85 19.55
CA GLY E 133 -22.09 0.50 19.79
C GLY E 133 -22.83 1.06 18.56
N SER E 134 -23.25 0.15 17.68
CA SER E 134 -23.96 0.38 16.41
C SER E 134 -25.47 0.14 16.50
N ASP E 135 -26.22 0.78 15.61
CA ASP E 135 -27.68 0.66 15.56
C ASP E 135 -28.16 0.05 14.23
N CYS E 136 -27.17 -0.47 13.50
CA CYS E 136 -27.36 -1.11 12.21
C CYS E 136 -26.16 -1.89 11.71
N THR E 137 -26.46 -3.02 11.05
CA THR E 137 -25.50 -3.94 10.44
C THR E 137 -25.31 -3.55 8.99
N THR E 138 -24.07 -3.52 8.55
CA THR E 138 -23.86 -3.17 7.16
C THR E 138 -23.39 -4.32 6.30
N ILE E 139 -23.94 -4.41 5.07
CA ILE E 139 -23.56 -5.41 4.08
C ILE E 139 -22.88 -4.65 2.91
N HIS E 140 -21.79 -5.19 2.39
CA HIS E 140 -21.08 -4.56 1.28
C HIS E 140 -21.40 -5.30 -0.01
N TYR E 141 -22.14 -4.64 -0.92
CA TYR E 141 -22.54 -5.29 -2.17
C TYR E 141 -21.81 -4.76 -3.39
N ASN E 142 -21.50 -5.68 -4.31
CA ASN E 142 -20.86 -5.33 -5.57
C ASN E 142 -21.76 -5.73 -6.72
N TYR E 143 -21.97 -4.78 -7.64
CA TYR E 143 -22.80 -5.09 -8.81
C TYR E 143 -21.84 -5.34 -9.97
N MET E 144 -21.75 -6.60 -10.32
CA MET E 144 -20.87 -7.12 -11.34
C MET E 144 -20.99 -6.71 -12.82
N CYS E 145 -22.04 -6.00 -13.27
CA CYS E 145 -22.16 -5.61 -14.69
C CYS E 145 -22.70 -4.19 -14.83
N ASN E 146 -22.44 -3.43 -15.90
CA ASN E 146 -23.09 -2.12 -15.93
C ASN E 146 -24.52 -2.34 -16.39
N SER E 147 -25.48 -1.51 -15.96
CA SER E 147 -26.85 -1.73 -16.41
C SER E 147 -26.89 -1.59 -17.94
N SER E 148 -25.72 -1.21 -18.47
CA SER E 148 -25.46 -0.96 -19.88
C SER E 148 -25.11 -2.16 -20.72
N CYS E 149 -24.48 -3.13 -20.10
CA CYS E 149 -24.03 -4.32 -20.79
C CYS E 149 -24.99 -4.84 -21.84
N MET E 150 -24.72 -4.54 -23.12
CA MET E 150 -25.56 -5.05 -24.18
C MET E 150 -25.49 -6.57 -24.01
N GLY E 151 -26.55 -7.31 -24.06
CA GLY E 151 -26.24 -8.73 -23.84
C GLY E 151 -26.34 -9.14 -22.38
N GLY E 152 -26.44 -8.12 -21.56
CA GLY E 152 -26.61 -8.20 -20.14
C GLY E 152 -27.91 -7.44 -19.88
N MET E 153 -27.89 -6.53 -18.91
CA MET E 153 -29.05 -5.71 -18.56
C MET E 153 -29.60 -4.81 -19.66
N ASN E 154 -28.79 -4.55 -20.68
CA ASN E 154 -29.20 -3.69 -21.79
C ASN E 154 -29.98 -2.42 -21.57
N ARG E 155 -29.55 -1.61 -20.61
CA ARG E 155 -30.23 -0.34 -20.34
C ARG E 155 -31.55 -0.48 -19.57
N ARG E 156 -31.81 -1.70 -19.11
CA ARG E 156 -33.00 -2.05 -18.36
C ARG E 156 -32.78 -1.94 -16.85
N PRO E 157 -33.67 -1.21 -16.19
CA PRO E 157 -33.57 -1.04 -14.76
C PRO E 157 -33.89 -2.32 -14.01
N ILE E 158 -33.19 -2.47 -12.90
CA ILE E 158 -33.33 -3.59 -12.00
C ILE E 158 -33.58 -3.10 -10.60
N LEU E 159 -34.08 -4.04 -9.83
CA LEU E 159 -34.42 -3.89 -8.45
C LEU E 159 -33.68 -4.97 -7.71
N THR E 160 -33.18 -4.64 -6.53
CA THR E 160 -32.52 -5.58 -5.66
C THR E 160 -33.47 -5.76 -4.48
N ILE E 161 -33.86 -6.99 -4.23
CA ILE E 161 -34.75 -7.30 -3.16
C ILE E 161 -33.91 -7.91 -2.07
N ILE E 162 -33.94 -7.27 -0.92
CA ILE E 162 -33.20 -7.74 0.21
C ILE E 162 -34.18 -8.36 1.17
N THR E 163 -34.00 -9.64 1.44
CA THR E 163 -34.92 -10.29 2.35
C THR E 163 -34.24 -10.84 3.59
N LEU E 164 -35.01 -10.81 4.65
CA LEU E 164 -34.61 -11.34 5.91
C LEU E 164 -35.36 -12.67 5.95
N GLU E 165 -34.65 -13.75 6.21
CA GLU E 165 -35.35 -15.01 6.23
C GLU E 165 -34.80 -15.88 7.33
N ASP E 166 -35.49 -16.98 7.60
CA ASP E 166 -35.07 -17.87 8.64
C ASP E 166 -34.20 -18.98 8.08
N SER E 167 -33.65 -19.81 8.96
CA SER E 167 -32.80 -20.88 8.49
C SER E 167 -33.46 -21.77 7.44
N SER E 168 -34.79 -21.88 7.51
CA SER E 168 -35.55 -22.66 6.55
C SER E 168 -35.77 -21.92 5.26
N GLY E 169 -35.64 -20.60 5.30
CA GLY E 169 -35.81 -19.76 4.12
C GLY E 169 -37.21 -19.16 3.97
N ASN E 170 -38.00 -19.23 5.04
CA ASN E 170 -39.35 -18.67 5.02
C ASN E 170 -39.12 -17.21 5.18
N LEU E 171 -39.87 -16.40 4.49
CA LEU E 171 -39.66 -14.96 4.60
C LEU E 171 -39.90 -14.31 5.97
N LEU E 172 -39.05 -13.35 6.35
CA LEU E 172 -39.22 -12.64 7.62
C LEU E 172 -39.54 -11.16 7.43
N GLY E 173 -38.84 -10.52 6.51
CA GLY E 173 -39.02 -9.12 6.24
C GLY E 173 -38.61 -8.91 4.79
N ARG E 174 -38.84 -7.75 4.21
CA ARG E 174 -38.44 -7.57 2.82
C ARG E 174 -38.47 -6.12 2.41
N ASN E 175 -37.38 -5.70 1.76
CA ASN E 175 -37.25 -4.36 1.25
C ASN E 175 -36.69 -4.50 -0.13
N SER E 176 -36.45 -3.39 -0.77
CA SER E 176 -35.91 -3.45 -2.10
C SER E 176 -35.64 -2.06 -2.56
N PHE E 177 -34.83 -1.97 -3.59
CA PHE E 177 -34.49 -0.70 -4.19
C PHE E 177 -33.88 -0.92 -5.54
N GLU E 178 -34.02 0.14 -6.31
CA GLU E 178 -33.54 0.24 -7.65
C GLU E 178 -32.05 0.54 -7.67
N VAL E 179 -31.34 -0.03 -8.65
CA VAL E 179 -29.92 0.13 -8.81
C VAL E 179 -29.59 0.54 -10.23
N ARG E 180 -28.68 1.49 -10.39
CA ARG E 180 -28.24 1.92 -11.69
C ARG E 180 -26.74 1.91 -11.71
N VAL E 181 -26.18 0.84 -12.29
CA VAL E 181 -24.74 0.71 -12.41
C VAL E 181 -24.33 1.54 -13.63
N CYS E 182 -23.45 2.54 -13.43
CA CYS E 182 -23.07 3.40 -14.54
C CYS E 182 -21.62 3.91 -14.61
N ALA E 183 -21.49 5.09 -15.26
CA ALA E 183 -20.24 5.80 -15.51
C ALA E 183 -20.23 7.13 -14.77
N CYS E 184 -19.70 7.12 -13.57
CA CYS E 184 -19.72 8.36 -12.81
C CYS E 184 -21.18 8.64 -12.44
N PRO E 185 -21.63 7.80 -11.53
CA PRO E 185 -22.95 7.77 -10.96
C PRO E 185 -23.57 9.10 -10.54
N GLY E 186 -22.85 9.88 -9.73
CA GLY E 186 -23.29 11.17 -9.19
C GLY E 186 -24.26 11.99 -10.03
N ARG E 187 -23.82 12.28 -11.24
CA ARG E 187 -24.59 13.09 -12.16
C ARG E 187 -25.95 12.52 -12.50
N ASP E 188 -25.96 11.23 -12.82
CA ASP E 188 -27.16 10.52 -13.19
C ASP E 188 -28.26 10.76 -12.18
N ARG E 189 -27.88 10.73 -10.91
CA ARG E 189 -28.85 10.96 -9.87
C ARG E 189 -29.26 12.43 -9.88
N ARG E 190 -28.26 13.30 -9.87
CA ARG E 190 -28.39 14.75 -9.89
C ARG E 190 -29.42 15.18 -10.95
N THR E 191 -29.33 14.51 -12.10
CA THR E 191 -30.17 14.72 -13.27
C THR E 191 -31.50 13.99 -13.08
N GLU E 192 -31.41 12.69 -12.80
CA GLU E 192 -32.59 11.85 -12.58
C GLU E 192 -33.52 12.57 -11.61
N GLU E 193 -32.90 13.30 -10.70
CA GLU E 193 -33.61 14.07 -9.70
C GLU E 193 -34.13 15.40 -10.21
N GLU E 194 -33.58 15.86 -11.34
CA GLU E 194 -33.98 17.14 -11.89
C GLU E 194 -35.18 17.20 -12.83
N ASN E 195 -35.36 16.21 -13.71
CA ASN E 195 -36.50 16.26 -14.62
C ASN E 195 -37.78 16.31 -13.80
N LEU E 196 -37.59 15.70 -12.63
CA LEU E 196 -38.52 15.54 -11.52
C LEU E 196 -39.10 16.91 -11.22
ZN ZN F . 15.27 -0.13 -17.55
ZN ZN G . 3.84 3.98 -2.49
ZN ZN H . -21.48 -7.02 -18.32
#